data_2OVP
#
_entry.id   2OVP
#
_cell.length_a   222.702
_cell.length_b   222.702
_cell.length_c   102.883
_cell.angle_alpha   90.00
_cell.angle_beta   90.00
_cell.angle_gamma   90.00
#
_symmetry.space_group_name_H-M   'I 41 2 2'
#
loop_
_entity.id
_entity.type
_entity.pdbx_description
1 polymer 'S-phase kinase-associated protein 1A'
2 polymer 'F-box/WD repeat protein 7'
3 water water
#
loop_
_entity_poly.entity_id
_entity_poly.type
_entity_poly.pdbx_seq_one_letter_code
_entity_poly.pdbx_strand_id
1 'polypeptide(L)'
;MPSIKLQSSDGEIFEVDVEIAKQSVTIKTMLEDLGMDPVPLPNVNAAILKKVIQWCTHHKDDPGGSGTDDIPVWDQEFLK
VDQGTLFELILAANYLDIKGLLDVTCKTVANMIKGKTPEEIRKTFNIKNDFTEEEEAQVRKENQWCEEK
;
A
2 'polypeptide(L)'
;TQVKHMMQVIEPQFQRDFISLLPKELALYVLSFLEPKDLLQAAQTCRYWRILAEDNLLWREKCKEEGIDEPLHIKRRKVI
KPGFIHSPWKSAYIRQHRIDTNWRRGELKSPKVLKGHDDHVITCLQFCGNRIVSGSDDNTLKVWSAVTGKCLRTLVGHTG
GVWSSQMRDNIIISGSTDRTLKVWNAETGECIHTLYGHTSTVRCMHLHEKRVVSGSRDATLRVWDIETGQCLHVLMGHVA
AVRCVQYDGRRVVSGAYDFMVKVWDPETETCLHTLQGHTNRVYSLQFDGIHVVSGSLDTSIRVWDVETGNCIHTLTGHQS
LTSGMELKDNILVSGNADSTVKIWDIKTGQCLQTLQGPNKHQSAVTCLQFNKNFVITSSDDGTVKLWDLKTGEFIRNLVT
LESGGSGGVVWRIRASNTKLVCAVGSRNGTEETKLLVLDFDVDMK
;
B
#
# COMPACT_ATOMS: atom_id res chain seq x y z
N PRO A 2 -42.30 -28.70 3.05
CA PRO A 2 -42.29 -30.11 3.50
C PRO A 2 -41.27 -30.36 4.61
N SER A 3 -40.63 -31.52 4.55
CA SER A 3 -39.63 -31.92 5.53
C SER A 3 -39.03 -33.25 5.10
N ILE A 4 -37.76 -33.48 5.42
CA ILE A 4 -37.11 -34.74 5.04
C ILE A 4 -36.38 -35.40 6.20
N LYS A 5 -36.17 -36.70 6.08
CA LYS A 5 -35.48 -37.45 7.11
C LYS A 5 -34.07 -37.82 6.70
N LEU A 6 -33.13 -37.62 7.61
CA LEU A 6 -31.75 -37.94 7.34
C LEU A 6 -31.20 -38.77 8.50
N GLN A 7 -30.38 -39.76 8.17
CA GLN A 7 -29.81 -40.66 9.14
C GLN A 7 -28.36 -40.40 9.49
N SER A 8 -28.12 -40.13 10.75
CA SER A 8 -26.75 -39.88 11.20
C SER A 8 -26.00 -41.19 11.09
N SER A 9 -24.69 -41.13 11.32
CA SER A 9 -23.86 -42.33 11.26
C SER A 9 -24.33 -43.27 12.36
N ASP A 10 -24.63 -42.70 13.53
CA ASP A 10 -25.11 -43.45 14.69
C ASP A 10 -26.22 -44.39 14.26
N GLY A 11 -27.00 -43.96 13.28
CA GLY A 11 -28.11 -44.75 12.79
C GLY A 11 -29.41 -44.09 13.20
N GLU A 12 -29.29 -42.88 13.74
CA GLU A 12 -30.44 -42.12 14.18
C GLU A 12 -31.05 -41.26 13.06
N ILE A 13 -32.29 -41.56 12.70
CA ILE A 13 -33.00 -40.78 11.68
C ILE A 13 -33.39 -39.44 12.28
N PHE A 14 -33.28 -38.38 11.48
CA PHE A 14 -33.66 -37.04 11.93
C PHE A 14 -34.69 -36.42 11.00
N GLU A 15 -35.88 -36.17 11.53
CA GLU A 15 -36.93 -35.54 10.75
C GLU A 15 -36.60 -34.05 10.82
N VAL A 16 -35.90 -33.56 9.80
CA VAL A 16 -35.55 -32.15 9.77
C VAL A 16 -36.17 -31.53 8.53
N ASP A 17 -36.90 -30.44 8.74
CA ASP A 17 -37.55 -29.74 7.63
C ASP A 17 -36.59 -29.54 6.48
N VAL A 18 -37.05 -29.86 5.28
CA VAL A 18 -36.25 -29.66 4.09
C VAL A 18 -35.92 -28.18 4.13
N GLU A 19 -34.92 -27.74 3.37
CA GLU A 19 -34.53 -26.33 3.37
C GLU A 19 -33.71 -26.08 4.61
N ILE A 20 -34.27 -26.42 5.77
CA ILE A 20 -33.56 -26.24 7.02
C ILE A 20 -32.34 -27.17 6.97
N ALA A 21 -32.55 -28.34 6.38
CA ALA A 21 -31.49 -29.32 6.26
C ALA A 21 -30.73 -29.09 4.96
N LYS A 22 -31.43 -28.55 3.97
CA LYS A 22 -30.78 -28.27 2.70
C LYS A 22 -29.70 -27.21 2.84
N GLN A 23 -29.43 -26.82 4.08
CA GLN A 23 -28.38 -25.85 4.34
C GLN A 23 -27.06 -26.59 4.20
N SER A 24 -27.17 -27.91 4.16
CA SER A 24 -26.04 -28.81 4.00
C SER A 24 -26.17 -29.26 2.56
N VAL A 25 -25.45 -28.60 1.66
CA VAL A 25 -25.53 -28.96 0.26
C VAL A 25 -25.24 -30.44 0.08
N THR A 26 -24.56 -31.05 1.04
CA THR A 26 -24.30 -32.49 0.94
C THR A 26 -25.66 -33.14 1.08
N ILE A 27 -26.33 -32.86 2.19
CA ILE A 27 -27.66 -33.40 2.46
C ILE A 27 -28.57 -32.99 1.30
N LYS A 28 -28.46 -31.72 0.91
CA LYS A 28 -29.25 -31.17 -0.18
C LYS A 28 -29.00 -31.99 -1.43
N THR A 29 -27.74 -32.14 -1.78
CA THR A 29 -27.35 -32.90 -2.96
C THR A 29 -27.91 -34.31 -2.94
N MET A 30 -27.83 -34.95 -1.79
CA MET A 30 -28.35 -36.31 -1.67
C MET A 30 -29.86 -36.35 -1.68
N LEU A 31 -30.48 -35.22 -1.32
CA LEU A 31 -31.93 -35.13 -1.30
C LEU A 31 -32.50 -34.76 -2.66
N GLU A 32 -31.87 -33.80 -3.32
CA GLU A 32 -32.35 -33.34 -4.60
C GLU A 32 -31.72 -34.03 -5.79
N ASP A 33 -30.56 -34.63 -5.60
CA ASP A 33 -29.90 -35.32 -6.70
C ASP A 33 -29.89 -36.83 -6.55
N LEU A 34 -29.26 -37.33 -5.49
CA LEU A 34 -29.21 -38.76 -5.27
C LEU A 34 -30.53 -39.29 -4.74
N GLY A 35 -31.28 -38.42 -4.08
CA GLY A 35 -32.56 -38.81 -3.54
C GLY A 35 -32.51 -39.95 -2.54
N MET A 36 -32.06 -39.67 -1.32
CA MET A 36 -31.95 -40.67 -0.28
C MET A 36 -33.17 -40.62 0.63
N ASP A 37 -33.99 -41.66 0.63
CA ASP A 37 -35.20 -41.70 1.46
C ASP A 37 -34.73 -41.16 2.81
N PRO A 38 -33.69 -41.78 3.39
CA PRO A 38 -33.14 -41.34 4.66
C PRO A 38 -31.74 -40.91 4.19
N VAL A 39 -31.34 -39.68 4.48
CA VAL A 39 -30.02 -39.26 4.03
C VAL A 39 -28.93 -39.79 4.94
N PRO A 40 -28.23 -40.84 4.50
CA PRO A 40 -27.15 -41.44 5.29
C PRO A 40 -25.99 -40.46 5.40
N LEU A 41 -25.64 -40.11 6.64
CA LEU A 41 -24.55 -39.19 6.88
C LEU A 41 -23.45 -39.87 7.70
N PRO A 42 -22.80 -40.87 7.11
CA PRO A 42 -21.74 -41.62 7.80
C PRO A 42 -20.78 -40.76 8.63
N ASN A 43 -20.37 -39.63 8.09
CA ASN A 43 -19.44 -38.76 8.80
C ASN A 43 -20.02 -37.97 9.97
N VAL A 44 -21.33 -38.00 10.15
CA VAL A 44 -21.94 -37.25 11.24
C VAL A 44 -22.83 -38.08 12.13
N ASN A 45 -22.48 -38.17 13.40
CA ASN A 45 -23.27 -38.94 14.36
C ASN A 45 -24.43 -38.09 14.85
N ALA A 46 -25.47 -38.77 15.36
CA ALA A 46 -26.65 -38.10 15.88
C ALA A 46 -26.25 -36.94 16.78
N ALA A 47 -25.29 -37.20 17.67
CA ALA A 47 -24.83 -36.19 18.59
C ALA A 47 -24.57 -34.88 17.87
N ILE A 48 -23.65 -34.91 16.91
CA ILE A 48 -23.30 -33.73 16.15
C ILE A 48 -24.38 -33.34 15.14
N LEU A 49 -24.94 -34.31 14.42
CA LEU A 49 -25.96 -34.00 13.45
C LEU A 49 -27.10 -33.25 14.14
N LYS A 50 -27.36 -33.63 15.39
CA LYS A 50 -28.41 -32.98 16.18
C LYS A 50 -27.98 -31.54 16.44
N LYS A 51 -26.66 -31.33 16.50
CA LYS A 51 -26.10 -30.01 16.75
C LYS A 51 -26.11 -29.14 15.51
N VAL A 52 -25.72 -29.71 14.37
CA VAL A 52 -25.71 -28.94 13.13
C VAL A 52 -27.13 -28.50 12.83
N ILE A 53 -28.07 -29.41 12.95
CA ILE A 53 -29.47 -29.10 12.72
C ILE A 53 -29.84 -27.93 13.63
N GLN A 54 -29.58 -28.08 14.92
CA GLN A 54 -29.89 -27.03 15.88
C GLN A 54 -29.36 -25.71 15.33
N TRP A 55 -28.14 -25.76 14.82
CA TRP A 55 -27.51 -24.58 14.24
C TRP A 55 -28.25 -24.16 12.98
N CYS A 56 -28.55 -25.13 12.12
CA CYS A 56 -29.24 -24.85 10.87
C CYS A 56 -30.67 -24.37 11.05
N THR A 57 -31.43 -25.05 11.90
CA THR A 57 -32.82 -24.66 12.15
C THR A 57 -32.81 -23.24 12.73
N HIS A 58 -31.61 -22.67 12.80
CA HIS A 58 -31.42 -21.32 13.32
C HIS A 58 -30.97 -20.42 12.16
N HIS A 59 -31.09 -20.93 10.94
CA HIS A 59 -30.69 -20.19 9.74
C HIS A 59 -31.54 -20.58 8.53
N ASP A 70 -17.82 -12.26 10.70
CA ASP A 70 -18.14 -11.85 12.07
C ASP A 70 -18.98 -12.94 12.75
N ILE A 71 -18.55 -13.38 13.93
CA ILE A 71 -19.29 -14.44 14.64
C ILE A 71 -20.63 -14.02 15.22
N PRO A 72 -21.72 -14.49 14.61
CA PRO A 72 -23.08 -14.18 15.05
C PRO A 72 -23.25 -14.17 16.56
N VAL A 73 -24.16 -13.31 17.00
CA VAL A 73 -24.49 -13.14 18.41
C VAL A 73 -25.42 -14.25 18.86
N TRP A 74 -25.00 -15.50 18.62
CA TRP A 74 -25.78 -16.68 18.97
C TRP A 74 -24.95 -17.92 18.65
N ASP A 75 -24.41 -17.93 17.44
CA ASP A 75 -23.57 -19.02 16.97
C ASP A 75 -22.39 -19.12 17.93
N GLN A 76 -21.95 -17.96 18.41
CA GLN A 76 -20.83 -17.91 19.33
C GLN A 76 -21.17 -18.65 20.62
N GLU A 77 -22.41 -18.53 21.05
CA GLU A 77 -22.86 -19.19 22.27
C GLU A 77 -23.02 -20.68 21.93
N PHE A 78 -23.75 -20.95 20.86
CA PHE A 78 -24.00 -22.31 20.39
C PHE A 78 -22.70 -23.09 20.24
N LEU A 79 -21.61 -22.37 20.01
CA LEU A 79 -20.30 -22.99 19.84
C LEU A 79 -19.48 -22.90 21.11
N LYS A 80 -20.10 -22.41 22.19
CA LYS A 80 -19.41 -22.29 23.47
C LYS A 80 -18.97 -23.67 23.91
N VAL A 81 -19.46 -24.69 23.21
CA VAL A 81 -19.13 -26.08 23.50
C VAL A 81 -17.63 -26.30 23.54
N ASP A 82 -17.23 -27.47 24.01
CA ASP A 82 -15.81 -27.81 24.11
C ASP A 82 -15.22 -28.14 22.75
N GLN A 83 -13.90 -28.17 22.69
CA GLN A 83 -13.19 -28.43 21.45
C GLN A 83 -13.66 -29.69 20.72
N GLY A 84 -13.80 -30.79 21.44
CA GLY A 84 -14.25 -32.02 20.81
C GLY A 84 -15.41 -31.77 19.88
N THR A 85 -16.43 -31.12 20.42
CA THR A 85 -17.63 -30.80 19.66
C THR A 85 -17.31 -29.85 18.52
N LEU A 86 -16.61 -28.76 18.84
CA LEU A 86 -16.24 -27.77 17.84
C LEU A 86 -15.65 -28.54 16.66
N PHE A 87 -14.56 -29.26 16.92
CA PHE A 87 -13.86 -30.07 15.94
C PHE A 87 -14.89 -30.94 15.21
N GLU A 88 -15.77 -31.55 15.98
CA GLU A 88 -16.81 -32.40 15.45
C GLU A 88 -17.67 -31.64 14.44
N LEU A 89 -18.00 -30.40 14.80
CA LEU A 89 -18.81 -29.55 13.94
C LEU A 89 -18.03 -29.09 12.72
N ILE A 90 -16.75 -28.78 12.91
CA ILE A 90 -15.90 -28.34 11.81
C ILE A 90 -16.05 -29.38 10.71
N LEU A 91 -15.97 -30.64 11.12
CA LEU A 91 -16.08 -31.74 10.18
C LEU A 91 -17.52 -31.90 9.76
N ALA A 92 -18.42 -31.96 10.74
CA ALA A 92 -19.84 -32.11 10.45
C ALA A 92 -20.20 -31.10 9.39
N ALA A 93 -19.81 -29.85 9.65
CA ALA A 93 -20.06 -28.77 8.72
C ALA A 93 -19.34 -29.08 7.42
N ASN A 94 -18.03 -29.29 7.49
CA ASN A 94 -17.27 -29.58 6.29
C ASN A 94 -17.88 -30.74 5.51
N TYR A 95 -18.22 -31.83 6.21
CA TYR A 95 -18.81 -33.00 5.56
C TYR A 95 -20.16 -32.66 4.98
N LEU A 96 -21.00 -32.03 5.80
CA LEU A 96 -22.34 -31.64 5.38
C LEU A 96 -22.25 -30.48 4.39
N ASP A 97 -21.06 -29.92 4.29
CA ASP A 97 -20.81 -28.78 3.41
C ASP A 97 -21.82 -27.70 3.79
N ILE A 98 -21.59 -27.12 4.96
CA ILE A 98 -22.43 -26.08 5.50
C ILE A 98 -21.48 -24.94 5.76
N LYS A 99 -21.15 -24.23 4.67
CA LYS A 99 -20.23 -23.09 4.70
C LYS A 99 -20.45 -22.27 5.93
N GLY A 100 -21.72 -21.98 6.20
CA GLY A 100 -22.06 -21.19 7.38
C GLY A 100 -21.42 -21.77 8.62
N LEU A 101 -21.99 -22.87 9.09
CA LEU A 101 -21.51 -23.55 10.30
C LEU A 101 -20.00 -23.69 10.28
N LEU A 102 -19.46 -24.09 9.14
CA LEU A 102 -18.02 -24.27 8.99
C LEU A 102 -17.25 -22.99 9.31
N ASP A 103 -17.67 -21.89 8.70
CA ASP A 103 -17.01 -20.61 8.94
C ASP A 103 -17.08 -20.20 10.39
N VAL A 104 -18.27 -20.29 10.97
CA VAL A 104 -18.46 -19.94 12.36
C VAL A 104 -17.53 -20.74 13.26
N THR A 105 -17.64 -22.06 13.18
CA THR A 105 -16.81 -22.95 13.99
C THR A 105 -15.33 -22.73 13.77
N CYS A 106 -14.88 -22.83 12.52
CA CYS A 106 -13.47 -22.66 12.20
C CYS A 106 -12.98 -21.34 12.76
N LYS A 107 -13.76 -20.29 12.54
CA LYS A 107 -13.39 -18.97 13.04
C LYS A 107 -13.26 -19.09 14.56
N THR A 108 -14.27 -19.70 15.18
CA THR A 108 -14.27 -19.87 16.63
C THR A 108 -12.93 -20.44 17.09
N VAL A 109 -12.41 -21.39 16.32
CA VAL A 109 -11.13 -22.00 16.62
C VAL A 109 -10.07 -20.92 16.42
N ALA A 110 -10.11 -20.31 15.24
CA ALA A 110 -9.17 -19.25 14.90
C ALA A 110 -9.08 -18.28 16.06
N ASN A 111 -10.24 -17.82 16.52
CA ASN A 111 -10.30 -16.88 17.63
C ASN A 111 -9.56 -17.43 18.83
N MET A 112 -9.59 -18.75 18.99
CA MET A 112 -8.88 -19.38 20.10
C MET A 112 -7.38 -19.17 19.90
N ILE A 113 -6.99 -18.94 18.64
CA ILE A 113 -5.59 -18.72 18.28
C ILE A 113 -5.28 -17.23 18.30
N LYS A 114 -6.22 -16.42 17.78
CA LYS A 114 -6.08 -14.96 17.73
C LYS A 114 -5.79 -14.49 19.14
N GLY A 115 -4.51 -14.36 19.48
CA GLY A 115 -4.17 -13.94 20.81
C GLY A 115 -2.67 -13.96 20.94
N LYS A 116 -2.01 -14.21 19.81
CA LYS A 116 -0.56 -14.24 19.77
C LYS A 116 0.00 -15.22 20.80
N THR A 117 1.30 -15.11 21.04
CA THR A 117 2.03 -15.96 21.99
C THR A 117 1.88 -17.43 21.63
N PRO A 118 2.93 -18.01 21.04
CA PRO A 118 2.91 -19.42 20.65
C PRO A 118 2.57 -20.28 21.88
N GLU A 119 3.30 -20.04 22.95
CA GLU A 119 3.15 -20.73 24.22
C GLU A 119 1.69 -20.75 24.67
N GLU A 120 1.03 -19.61 24.57
CA GLU A 120 -0.37 -19.50 24.96
C GLU A 120 -1.23 -20.27 23.97
N ILE A 121 -0.91 -20.16 22.68
CA ILE A 121 -1.68 -20.85 21.66
C ILE A 121 -1.68 -22.33 21.94
N ARG A 122 -0.58 -22.81 22.50
CA ARG A 122 -0.46 -24.22 22.85
C ARG A 122 -1.33 -24.52 24.06
N LYS A 123 -1.18 -23.72 25.12
CA LYS A 123 -1.98 -23.91 26.33
C LYS A 123 -3.46 -24.03 25.98
N THR A 124 -3.82 -23.64 24.75
CA THR A 124 -5.20 -23.70 24.28
C THR A 124 -5.48 -24.95 23.45
N PHE A 125 -4.46 -25.41 22.74
CA PHE A 125 -4.59 -26.59 21.89
C PHE A 125 -3.62 -27.67 22.36
N ASN A 126 -3.15 -27.54 23.59
CA ASN A 126 -2.18 -28.45 24.16
C ASN A 126 -0.88 -28.21 23.41
N ILE A 127 -0.68 -28.94 22.31
CA ILE A 127 0.51 -28.75 21.48
C ILE A 127 1.85 -28.75 22.21
N LYS A 128 2.67 -29.76 21.94
CA LYS A 128 3.99 -29.82 22.55
C LYS A 128 4.91 -29.00 21.65
N ASN A 129 5.80 -28.22 22.24
CA ASN A 129 6.73 -27.43 21.46
C ASN A 129 7.81 -28.41 20.94
N ASP A 130 7.55 -28.99 19.78
CA ASP A 130 8.48 -29.96 19.20
C ASP A 130 9.60 -29.32 18.39
N PHE A 131 9.99 -28.12 18.79
CA PHE A 131 11.05 -27.41 18.08
C PHE A 131 12.37 -27.59 18.81
N THR A 132 13.40 -28.00 18.07
CA THR A 132 14.71 -28.19 18.67
C THR A 132 15.24 -26.82 19.10
N GLU A 133 16.40 -26.82 19.74
CA GLU A 133 17.01 -25.56 20.19
C GLU A 133 17.00 -24.56 19.04
N GLU A 134 17.87 -24.81 18.06
CA GLU A 134 17.98 -23.95 16.90
C GLU A 134 16.65 -23.73 16.21
N GLU A 135 15.91 -24.80 15.97
CA GLU A 135 14.62 -24.70 15.32
C GLU A 135 13.74 -23.59 15.88
N GLU A 136 13.23 -23.80 17.10
CA GLU A 136 12.36 -22.80 17.70
C GLU A 136 12.89 -21.40 17.44
N ALA A 137 14.18 -21.19 17.69
CA ALA A 137 14.77 -19.89 17.44
C ALA A 137 14.44 -19.46 16.01
N GLN A 138 14.88 -20.25 15.04
CA GLN A 138 14.63 -19.99 13.64
C GLN A 138 13.18 -19.66 13.36
N VAL A 139 12.27 -20.43 13.96
CA VAL A 139 10.84 -20.21 13.76
C VAL A 139 10.44 -18.84 14.30
N ARG A 140 11.02 -18.48 15.43
CA ARG A 140 10.73 -17.20 16.06
C ARG A 140 11.34 -16.06 15.24
N LYS A 141 12.55 -16.29 14.73
CA LYS A 141 13.24 -15.28 13.93
C LYS A 141 12.48 -15.06 12.63
N GLU A 142 11.95 -16.14 12.07
CA GLU A 142 11.20 -16.08 10.82
C GLU A 142 9.82 -15.48 10.96
N ASN A 143 9.20 -15.68 12.11
CA ASN A 143 7.87 -15.14 12.33
C ASN A 143 7.95 -14.00 13.33
N GLN A 144 9.07 -13.27 13.29
CA GLN A 144 9.31 -12.12 14.15
C GLN A 144 8.18 -11.11 13.87
N TRP A 145 8.06 -10.07 14.69
CA TRP A 145 7.01 -9.08 14.47
C TRP A 145 7.28 -7.75 15.19
N THR B 1 -0.81 -30.32 -1.36
CA THR B 1 0.52 -30.17 -2.02
C THR B 1 1.32 -29.06 -1.33
N GLN B 2 2.63 -29.27 -1.23
CA GLN B 2 3.54 -28.32 -0.58
C GLN B 2 3.33 -28.41 0.92
N VAL B 3 2.07 -28.37 1.36
CA VAL B 3 1.76 -28.50 2.78
C VAL B 3 1.81 -29.98 3.07
N LYS B 4 1.27 -30.77 2.14
CA LYS B 4 1.28 -32.22 2.28
C LYS B 4 2.72 -32.68 2.24
N HIS B 5 3.42 -32.27 1.18
CA HIS B 5 4.81 -32.62 0.96
C HIS B 5 5.66 -32.35 2.19
N MET B 6 5.30 -31.33 2.96
CA MET B 6 6.04 -30.95 4.17
C MET B 6 5.87 -31.96 5.29
N MET B 7 4.65 -32.43 5.46
CA MET B 7 4.32 -33.40 6.49
C MET B 7 5.09 -34.70 6.25
N GLN B 8 4.93 -35.24 5.04
CA GLN B 8 5.57 -36.49 4.64
C GLN B 8 7.09 -36.44 4.70
N VAL B 9 7.64 -35.30 5.11
CA VAL B 9 9.09 -35.15 5.17
C VAL B 9 9.59 -34.73 6.55
N ILE B 10 8.91 -33.80 7.19
CA ILE B 10 9.32 -33.37 8.53
C ILE B 10 8.80 -34.39 9.54
N GLU B 11 7.64 -34.97 9.25
CA GLU B 11 7.03 -35.96 10.11
C GLU B 11 6.72 -35.44 11.51
N PRO B 12 5.96 -34.34 11.60
CA PRO B 12 5.60 -33.74 12.90
C PRO B 12 4.53 -34.55 13.61
N GLN B 13 4.44 -35.83 13.25
CA GLN B 13 3.44 -36.74 13.82
C GLN B 13 3.14 -36.57 15.30
N PHE B 14 2.01 -37.17 15.70
CA PHE B 14 1.49 -37.10 17.05
C PHE B 14 1.37 -35.70 17.57
N GLN B 15 0.16 -35.18 17.49
CA GLN B 15 -0.12 -33.85 17.99
C GLN B 15 -1.48 -33.91 18.66
N ARG B 16 -1.50 -33.53 19.92
CA ARG B 16 -2.70 -33.55 20.73
C ARG B 16 -3.44 -32.23 20.61
N ASP B 17 -3.47 -31.64 19.42
CA ASP B 17 -4.16 -30.36 19.25
C ASP B 17 -5.27 -30.35 18.23
N PHE B 18 -6.26 -29.53 18.53
CA PHE B 18 -7.42 -29.35 17.69
C PHE B 18 -7.12 -29.26 16.20
N ILE B 19 -6.27 -28.31 15.79
CA ILE B 19 -6.00 -28.15 14.37
C ILE B 19 -5.11 -29.21 13.74
N SER B 20 -4.20 -29.80 14.51
CA SER B 20 -3.32 -30.83 13.96
C SER B 20 -4.10 -32.03 13.49
N LEU B 21 -5.26 -32.26 14.10
CA LEU B 21 -6.10 -33.38 13.76
C LEU B 21 -7.09 -33.06 12.67
N LEU B 22 -7.42 -31.77 12.53
CA LEU B 22 -8.35 -31.34 11.49
C LEU B 22 -7.77 -31.67 10.14
N PRO B 23 -8.62 -32.07 9.19
CA PRO B 23 -8.06 -32.37 7.87
C PRO B 23 -7.22 -31.17 7.43
N LYS B 24 -6.04 -31.44 6.87
CA LYS B 24 -5.15 -30.37 6.41
C LYS B 24 -5.94 -29.14 5.95
N GLU B 25 -6.83 -29.34 4.98
CA GLU B 25 -7.64 -28.25 4.43
C GLU B 25 -8.41 -27.46 5.47
N LEU B 26 -9.15 -28.15 6.32
CA LEU B 26 -9.92 -27.48 7.34
C LEU B 26 -9.01 -26.71 8.30
N ALA B 27 -7.91 -27.33 8.68
CA ALA B 27 -6.98 -26.65 9.58
C ALA B 27 -6.63 -25.35 8.86
N LEU B 28 -6.55 -25.39 7.54
CA LEU B 28 -6.21 -24.16 6.82
C LEU B 28 -7.40 -23.23 6.79
N TYR B 29 -8.56 -23.75 6.38
CA TYR B 29 -9.75 -22.93 6.35
C TYR B 29 -9.87 -22.24 7.70
N VAL B 30 -9.24 -22.78 8.74
CA VAL B 30 -9.26 -22.19 10.09
C VAL B 30 -8.20 -21.10 10.26
N LEU B 31 -6.95 -21.49 10.01
CA LEU B 31 -5.84 -20.56 10.15
C LEU B 31 -6.04 -19.37 9.23
N SER B 32 -6.82 -19.54 8.18
CA SER B 32 -7.07 -18.46 7.23
C SER B 32 -7.82 -17.33 7.93
N PHE B 33 -8.57 -17.66 8.97
CA PHE B 33 -9.33 -16.66 9.71
C PHE B 33 -8.41 -15.85 10.62
N LEU B 34 -7.14 -16.23 10.64
CA LEU B 34 -6.18 -15.52 11.47
C LEU B 34 -5.50 -14.42 10.68
N GLU B 35 -5.22 -13.30 11.34
CA GLU B 35 -4.52 -12.21 10.68
C GLU B 35 -3.06 -12.63 10.69
N PRO B 36 -2.29 -12.21 9.68
CA PRO B 36 -0.88 -12.57 9.62
C PRO B 36 -0.19 -12.59 10.98
N LYS B 37 -0.44 -11.56 11.78
CA LYS B 37 0.17 -11.48 13.11
C LYS B 37 -0.03 -12.81 13.84
N ASP B 38 -1.26 -13.30 13.80
CA ASP B 38 -1.59 -14.55 14.45
C ASP B 38 -0.91 -15.72 13.77
N LEU B 39 -1.13 -15.88 12.47
CA LEU B 39 -0.49 -16.96 11.74
C LEU B 39 0.95 -17.08 12.19
N LEU B 40 1.67 -15.97 12.15
CA LEU B 40 3.07 -16.00 12.54
C LEU B 40 3.25 -16.60 13.92
N GLN B 41 2.35 -16.29 14.83
CA GLN B 41 2.43 -16.84 16.17
C GLN B 41 2.09 -18.31 16.12
N ALA B 42 1.01 -18.62 15.43
CA ALA B 42 0.54 -19.99 15.26
C ALA B 42 1.65 -20.83 14.66
N ALA B 43 2.47 -20.21 13.83
CA ALA B 43 3.57 -20.90 13.17
C ALA B 43 4.69 -21.27 14.13
N GLN B 44 4.79 -20.57 15.24
CA GLN B 44 5.83 -20.86 16.21
C GLN B 44 5.31 -21.89 17.19
N THR B 45 4.04 -22.24 17.02
CA THR B 45 3.38 -23.20 17.88
C THR B 45 4.11 -24.55 17.91
N CYS B 46 4.08 -25.25 16.79
CA CYS B 46 4.71 -26.56 16.69
C CYS B 46 4.99 -26.84 15.21
N ARG B 47 6.01 -27.65 14.95
CA ARG B 47 6.37 -27.98 13.58
C ARG B 47 5.13 -28.20 12.72
N TYR B 48 4.14 -28.89 13.28
CA TYR B 48 2.95 -29.16 12.52
C TYR B 48 2.30 -27.85 12.12
N TRP B 49 1.94 -27.06 13.12
CA TRP B 49 1.30 -25.78 12.89
C TRP B 49 2.12 -24.95 11.92
N ARG B 50 3.39 -24.78 12.24
CA ARG B 50 4.28 -24.03 11.39
C ARG B 50 4.01 -24.42 9.94
N ILE B 51 4.15 -25.70 9.64
CA ILE B 51 3.93 -26.22 8.30
C ILE B 51 2.59 -25.78 7.71
N LEU B 52 1.59 -25.64 8.56
CA LEU B 52 0.29 -25.21 8.09
C LEU B 52 0.30 -23.71 7.88
N ALA B 53 0.68 -22.98 8.93
CA ALA B 53 0.75 -21.52 8.87
C ALA B 53 1.61 -21.12 7.69
N GLU B 54 2.17 -22.10 7.01
CA GLU B 54 3.03 -21.85 5.86
C GLU B 54 2.37 -22.12 4.52
N ASP B 55 1.08 -22.42 4.52
CA ASP B 55 0.41 -22.69 3.27
C ASP B 55 0.58 -21.51 2.33
N ASN B 56 1.27 -21.76 1.21
CA ASN B 56 1.52 -20.71 0.24
C ASN B 56 0.29 -19.91 -0.12
N LEU B 57 -0.73 -20.57 -0.66
CA LEU B 57 -1.94 -19.85 -1.03
C LEU B 57 -2.56 -19.08 0.11
N LEU B 58 -2.32 -19.50 1.35
CA LEU B 58 -2.86 -18.82 2.52
C LEU B 58 -2.34 -17.40 2.63
N TRP B 59 -1.09 -17.19 2.19
CA TRP B 59 -0.50 -15.87 2.24
C TRP B 59 -0.71 -15.13 0.93
N ARG B 60 -0.74 -15.85 -0.18
CA ARG B 60 -0.96 -15.21 -1.48
C ARG B 60 -2.11 -14.24 -1.27
N GLU B 61 -2.99 -14.59 -0.33
CA GLU B 61 -4.13 -13.75 -0.02
C GLU B 61 -3.77 -12.71 1.03
N LYS B 62 -3.22 -13.16 2.16
CA LYS B 62 -2.83 -12.24 3.22
C LYS B 62 -1.94 -11.15 2.64
N CYS B 63 -1.33 -11.44 1.49
CA CYS B 63 -0.47 -10.48 0.83
C CYS B 63 -1.32 -9.55 -0.01
N LYS B 64 -2.26 -10.12 -0.76
CA LYS B 64 -3.15 -9.32 -1.60
C LYS B 64 -4.00 -8.50 -0.65
N GLU B 65 -3.79 -8.77 0.64
CA GLU B 65 -4.47 -8.08 1.73
C GLU B 65 -3.66 -6.82 2.01
N GLU B 66 -2.34 -6.97 2.05
CA GLU B 66 -1.43 -5.85 2.29
C GLU B 66 -0.91 -5.38 0.93
N GLY B 67 -1.64 -5.74 -0.12
CA GLY B 67 -1.26 -5.37 -1.47
C GLY B 67 0.17 -5.74 -1.83
N ILE B 68 0.47 -7.03 -1.81
CA ILE B 68 1.81 -7.47 -2.16
C ILE B 68 1.85 -7.87 -3.64
N ASP B 69 0.93 -8.73 -4.06
CA ASP B 69 0.82 -9.18 -5.44
C ASP B 69 2.04 -9.94 -5.94
N GLU B 70 3.19 -9.62 -5.38
CA GLU B 70 4.43 -10.27 -5.79
C GLU B 70 5.03 -11.01 -4.60
N PRO B 71 5.05 -12.35 -4.67
CA PRO B 71 5.61 -13.18 -3.60
C PRO B 71 7.11 -13.19 -3.78
N LEU B 72 7.88 -12.96 -2.72
CA LEU B 72 9.32 -12.98 -2.89
C LEU B 72 9.84 -14.41 -2.80
N HIS B 73 10.86 -14.71 -3.60
CA HIS B 73 11.45 -16.03 -3.61
C HIS B 73 12.89 -15.93 -3.16
N ILE B 74 13.11 -15.99 -1.84
CA ILE B 74 14.46 -15.93 -1.31
C ILE B 74 15.32 -17.05 -1.90
N LYS B 75 16.61 -17.08 -1.58
CA LYS B 75 17.48 -18.11 -2.14
C LYS B 75 18.57 -18.54 -1.15
N VAL B 79 19.21 -23.58 3.09
CA VAL B 79 19.94 -24.81 2.82
C VAL B 79 20.32 -25.50 4.14
N ILE B 80 19.46 -25.35 5.15
CA ILE B 80 19.70 -25.92 6.48
C ILE B 80 19.02 -27.27 6.68
N LYS B 81 19.33 -27.92 7.81
CA LYS B 81 18.80 -29.23 8.21
C LYS B 81 17.26 -29.31 8.04
N PRO B 82 16.64 -30.47 8.39
CA PRO B 82 15.18 -30.60 8.23
C PRO B 82 14.55 -29.52 7.39
N GLY B 83 14.51 -29.79 6.08
CA GLY B 83 13.95 -28.85 5.13
C GLY B 83 12.62 -28.24 5.52
N PHE B 84 12.34 -27.07 4.95
CA PHE B 84 11.10 -26.38 5.24
C PHE B 84 10.69 -25.59 4.00
N ILE B 85 9.57 -25.95 3.40
CA ILE B 85 9.10 -25.26 2.21
C ILE B 85 8.46 -23.92 2.59
N HIS B 86 9.25 -22.87 2.53
CA HIS B 86 8.75 -21.55 2.87
C HIS B 86 7.77 -21.07 1.84
N SER B 87 6.80 -20.31 2.29
CA SER B 87 5.81 -19.77 1.40
C SER B 87 6.37 -18.50 0.80
N PRO B 88 6.46 -18.44 -0.53
CA PRO B 88 6.98 -17.25 -1.22
C PRO B 88 6.17 -16.05 -0.77
N TRP B 89 4.92 -16.30 -0.39
CA TRP B 89 4.04 -15.25 0.06
C TRP B 89 4.24 -14.91 1.53
N LYS B 90 4.40 -15.91 2.39
CA LYS B 90 4.59 -15.59 3.80
C LYS B 90 5.83 -14.73 3.91
N SER B 91 6.89 -15.11 3.21
CA SER B 91 8.13 -14.35 3.25
C SER B 91 7.88 -12.99 2.62
N ALA B 92 7.24 -12.98 1.46
CA ALA B 92 6.94 -11.73 0.79
C ALA B 92 6.18 -10.84 1.77
N TYR B 93 5.26 -11.45 2.52
CA TYR B 93 4.48 -10.71 3.51
C TYR B 93 5.36 -10.18 4.62
N ILE B 94 6.21 -11.06 5.15
CA ILE B 94 7.09 -10.66 6.22
C ILE B 94 7.97 -9.55 5.72
N ARG B 95 8.53 -9.73 4.52
CA ARG B 95 9.39 -8.71 3.94
C ARG B 95 8.70 -7.37 4.14
N GLN B 96 7.45 -7.29 3.67
CA GLN B 96 6.69 -6.05 3.81
C GLN B 96 6.59 -5.65 5.27
N HIS B 97 6.03 -6.52 6.09
CA HIS B 97 5.87 -6.25 7.52
C HIS B 97 7.16 -5.66 8.07
N ARG B 98 8.27 -6.32 7.74
CA ARG B 98 9.57 -5.88 8.18
C ARG B 98 9.94 -4.56 7.53
N ILE B 99 9.79 -4.46 6.22
CA ILE B 99 10.09 -3.23 5.54
C ILE B 99 9.30 -2.15 6.28
N ASP B 100 7.99 -2.36 6.38
CA ASP B 100 7.14 -1.41 7.08
C ASP B 100 7.77 -1.10 8.43
N THR B 101 8.13 -2.14 9.16
CA THR B 101 8.71 -1.95 10.47
C THR B 101 10.03 -1.20 10.38
N ASN B 102 10.87 -1.59 9.42
CA ASN B 102 12.16 -0.95 9.28
C ASN B 102 11.90 0.54 9.04
N TRP B 103 10.82 0.85 8.33
CA TRP B 103 10.45 2.23 8.08
C TRP B 103 10.06 2.80 9.41
N ARG B 104 8.93 2.31 9.91
CA ARG B 104 8.37 2.71 11.19
C ARG B 104 9.50 2.84 12.25
N ARG B 105 9.80 1.80 13.03
CA ARG B 105 10.88 1.96 14.01
C ARG B 105 12.22 1.43 13.56
N GLY B 106 12.35 1.09 12.29
CA GLY B 106 13.63 0.58 11.83
C GLY B 106 14.76 1.58 11.90
N GLU B 107 15.78 1.23 12.65
CA GLU B 107 16.97 2.05 12.77
C GLU B 107 17.45 2.67 11.44
N LEU B 108 17.51 4.00 11.42
CA LEU B 108 17.96 4.69 10.24
C LEU B 108 19.41 4.27 10.00
N LYS B 109 19.71 3.74 8.82
CA LYS B 109 21.07 3.28 8.54
C LYS B 109 22.20 4.23 8.19
N SER B 110 21.89 5.53 8.14
CA SER B 110 22.85 6.55 7.77
C SER B 110 22.71 6.37 6.32
N PRO B 111 21.92 7.26 5.70
CA PRO B 111 21.57 7.33 4.29
C PRO B 111 22.72 7.49 3.35
N LYS B 112 22.51 7.02 2.13
CA LYS B 112 23.51 7.14 1.10
C LYS B 112 23.45 8.59 0.66
N VAL B 113 24.44 9.37 1.07
CA VAL B 113 24.49 10.77 0.69
C VAL B 113 24.86 10.82 -0.78
N LEU B 114 24.12 11.59 -1.57
CA LEU B 114 24.40 11.73 -2.98
C LEU B 114 24.74 13.18 -3.27
N LYS B 115 25.93 13.60 -2.82
CA LYS B 115 26.38 14.98 -3.04
C LYS B 115 26.17 15.29 -4.52
N GLY B 116 25.42 16.35 -4.80
CA GLY B 116 25.17 16.72 -6.17
C GLY B 116 24.47 18.07 -6.25
N HIS B 117 24.60 18.75 -7.38
CA HIS B 117 23.97 20.05 -7.53
C HIS B 117 24.49 21.04 -6.52
N ASP B 118 25.79 20.97 -6.25
CA ASP B 118 26.42 21.85 -5.30
C ASP B 118 25.78 23.22 -5.31
N ASP B 119 25.62 23.79 -4.13
CA ASP B 119 25.05 25.11 -3.97
C ASP B 119 23.82 25.40 -4.81
N HIS B 120 23.06 24.37 -5.10
CA HIS B 120 21.87 24.55 -5.89
C HIS B 120 20.68 23.81 -5.33
N VAL B 121 19.51 24.11 -5.85
CA VAL B 121 18.31 23.47 -5.36
C VAL B 121 17.87 22.31 -6.24
N ILE B 122 17.59 21.17 -5.61
CA ILE B 122 17.08 20.04 -6.35
C ILE B 122 15.60 20.39 -6.42
N THR B 123 15.21 20.99 -7.54
CA THR B 123 13.85 21.46 -7.75
C THR B 123 12.81 20.43 -8.07
N CYS B 124 13.27 19.21 -8.34
CA CYS B 124 12.36 18.12 -8.63
C CYS B 124 13.11 16.82 -8.46
N LEU B 125 12.39 15.83 -7.98
CA LEU B 125 12.97 14.55 -7.72
C LEU B 125 12.12 13.49 -8.35
N GLN B 126 12.77 12.50 -8.95
CA GLN B 126 12.06 11.42 -9.56
C GLN B 126 12.73 10.19 -9.01
N PHE B 127 11.92 9.21 -8.66
CA PHE B 127 12.43 7.96 -8.13
C PHE B 127 11.67 6.84 -8.81
N CYS B 128 12.33 6.22 -9.78
CA CYS B 128 11.75 5.11 -10.51
C CYS B 128 12.65 3.91 -10.33
N GLY B 129 12.38 3.16 -9.28
CA GLY B 129 13.14 1.97 -8.95
C GLY B 129 14.63 2.04 -9.24
N ASN B 130 15.43 2.12 -8.19
CA ASN B 130 16.88 2.15 -8.34
C ASN B 130 17.44 3.37 -9.05
N ARG B 131 16.64 4.03 -9.87
CA ARG B 131 17.12 5.23 -10.54
C ARG B 131 16.47 6.45 -9.91
N ILE B 132 17.29 7.38 -9.46
CA ILE B 132 16.81 8.62 -8.87
C ILE B 132 17.21 9.74 -9.83
N VAL B 133 16.28 10.63 -10.14
CA VAL B 133 16.59 11.74 -11.02
C VAL B 133 16.34 13.06 -10.31
N SER B 134 17.43 13.68 -9.87
CA SER B 134 17.35 14.95 -9.20
C SER B 134 17.44 16.06 -10.22
N GLY B 135 16.43 16.92 -10.22
CA GLY B 135 16.40 18.05 -11.12
C GLY B 135 16.84 19.23 -10.28
N SER B 136 17.65 20.11 -10.86
CA SER B 136 18.12 21.25 -10.10
C SER B 136 18.06 22.54 -10.88
N ASP B 137 17.98 23.66 -10.15
CA ASP B 137 17.93 24.95 -10.80
C ASP B 137 19.33 25.28 -11.28
N ASP B 138 20.19 24.27 -11.27
CA ASP B 138 21.55 24.43 -11.75
C ASP B 138 21.53 23.93 -13.20
N ASN B 139 20.36 24.06 -13.81
CA ASN B 139 20.10 23.69 -15.20
C ASN B 139 20.36 22.22 -15.51
N THR B 140 20.71 21.44 -14.51
CA THR B 140 20.97 20.04 -14.78
C THR B 140 20.06 19.12 -13.99
N LEU B 141 20.12 17.85 -14.35
CA LEU B 141 19.37 16.81 -13.68
C LEU B 141 20.43 15.74 -13.53
N LYS B 142 20.35 14.96 -12.47
CA LYS B 142 21.33 13.92 -12.31
C LYS B 142 20.58 12.63 -12.07
N VAL B 143 20.95 11.60 -12.82
CA VAL B 143 20.31 10.31 -12.68
C VAL B 143 21.21 9.53 -11.75
N TRP B 144 20.65 9.08 -10.63
CA TRP B 144 21.43 8.34 -9.64
C TRP B 144 20.96 6.92 -9.49
N SER B 145 21.70 6.16 -8.71
CA SER B 145 21.34 4.79 -8.44
C SER B 145 20.93 4.76 -6.97
N ALA B 146 19.64 4.64 -6.70
CA ALA B 146 19.17 4.60 -5.33
C ALA B 146 19.94 3.46 -4.69
N VAL B 147 20.42 2.57 -5.54
CA VAL B 147 21.17 1.40 -5.13
C VAL B 147 22.56 1.75 -4.64
N THR B 148 23.43 2.10 -5.58
CA THR B 148 24.81 2.45 -5.26
C THR B 148 24.86 3.84 -4.65
N GLY B 149 24.11 4.75 -5.23
CA GLY B 149 24.11 6.11 -4.73
C GLY B 149 25.08 6.88 -5.58
N LYS B 150 25.64 6.21 -6.58
CA LYS B 150 26.57 6.87 -7.48
C LYS B 150 25.80 7.63 -8.55
N CYS B 151 26.32 8.79 -8.91
CA CYS B 151 25.67 9.58 -9.95
C CYS B 151 25.95 8.86 -11.26
N LEU B 152 24.90 8.40 -11.92
CA LEU B 152 25.04 7.69 -13.18
C LEU B 152 25.18 8.61 -14.37
N ARG B 153 24.51 9.75 -14.32
CA ARG B 153 24.57 10.70 -15.42
C ARG B 153 24.13 12.06 -14.93
N THR B 154 24.40 13.07 -15.73
CA THR B 154 24.02 14.43 -15.37
C THR B 154 23.47 15.04 -16.64
N LEU B 155 22.16 15.04 -16.71
CA LEU B 155 21.48 15.58 -17.88
C LEU B 155 21.82 17.04 -18.10
N VAL B 156 23.01 17.26 -18.64
CA VAL B 156 23.49 18.59 -18.97
C VAL B 156 22.90 18.94 -20.32
N GLY B 157 22.22 20.07 -20.40
CA GLY B 157 21.64 20.43 -21.67
C GLY B 157 20.82 21.68 -21.54
N HIS B 158 20.07 21.77 -20.46
CA HIS B 158 19.25 22.94 -20.22
C HIS B 158 20.15 24.14 -19.97
N THR B 159 19.70 25.31 -20.39
CA THR B 159 20.45 26.53 -20.18
C THR B 159 19.82 27.24 -18.98
N GLY B 160 18.60 26.83 -18.66
CA GLY B 160 17.89 27.38 -17.53
C GLY B 160 17.81 26.32 -16.43
N GLY B 161 17.47 26.72 -15.22
CA GLY B 161 17.38 25.76 -14.15
C GLY B 161 16.23 24.79 -14.35
N VAL B 162 16.46 23.52 -14.03
CA VAL B 162 15.42 22.51 -14.17
C VAL B 162 14.43 22.72 -13.02
N TRP B 163 13.13 22.68 -13.31
CA TRP B 163 12.14 22.89 -12.28
C TRP B 163 11.01 21.87 -12.26
N SER B 164 10.97 21.04 -13.30
CA SER B 164 9.97 20.00 -13.39
C SER B 164 10.67 18.83 -14.03
N SER B 165 10.35 17.65 -13.53
CA SER B 165 10.96 16.45 -13.99
C SER B 165 9.91 15.37 -13.97
N GLN B 166 10.07 14.42 -14.86
CA GLN B 166 9.17 13.30 -14.94
C GLN B 166 10.07 12.22 -15.41
N MET B 167 9.76 11.00 -15.03
CA MET B 167 10.58 9.90 -15.46
C MET B 167 9.69 8.70 -15.68
N ARG B 168 10.15 7.81 -16.52
CA ARG B 168 9.44 6.58 -16.82
C ARG B 168 10.51 5.69 -17.39
N ASP B 169 11.25 5.02 -16.51
CA ASP B 169 12.34 4.12 -16.88
C ASP B 169 13.10 4.59 -18.12
N ASN B 170 14.33 5.02 -17.89
CA ASN B 170 15.19 5.47 -18.97
C ASN B 170 14.68 6.71 -19.71
N ILE B 171 13.45 7.13 -19.42
CA ILE B 171 12.94 8.31 -20.08
C ILE B 171 12.66 9.42 -19.08
N ILE B 172 13.62 10.33 -18.95
CA ILE B 172 13.49 11.46 -18.05
C ILE B 172 13.05 12.64 -18.88
N ILE B 173 12.09 13.40 -18.37
CA ILE B 173 11.62 14.56 -19.09
C ILE B 173 11.78 15.70 -18.12
N SER B 174 12.57 16.69 -18.49
CA SER B 174 12.80 17.82 -17.62
C SER B 174 12.25 19.07 -18.21
N GLY B 175 11.70 19.91 -17.35
CA GLY B 175 11.15 21.18 -17.77
C GLY B 175 12.04 22.20 -17.12
N SER B 176 12.43 23.22 -17.86
CA SER B 176 13.33 24.23 -17.32
C SER B 176 12.85 25.66 -17.45
N THR B 177 13.54 26.55 -16.74
CA THR B 177 13.20 27.96 -16.80
C THR B 177 13.58 28.38 -18.22
N ASP B 178 14.52 27.65 -18.81
CA ASP B 178 14.97 27.98 -20.16
C ASP B 178 13.86 27.87 -21.19
N ARG B 179 12.63 27.61 -20.74
CA ARG B 179 11.48 27.55 -21.64
C ARG B 179 11.33 26.25 -22.43
N THR B 180 12.12 25.23 -22.10
CA THR B 180 12.02 24.00 -22.86
C THR B 180 12.04 22.70 -22.08
N LEU B 181 11.16 21.77 -22.43
CA LEU B 181 11.18 20.46 -21.79
C LEU B 181 12.32 19.76 -22.52
N LYS B 182 12.83 18.70 -21.93
CA LYS B 182 13.88 17.95 -22.57
C LYS B 182 13.71 16.49 -22.25
N VAL B 183 13.47 15.67 -23.26
CA VAL B 183 13.31 14.25 -23.02
C VAL B 183 14.72 13.70 -22.89
N TRP B 184 14.92 12.84 -21.92
CA TRP B 184 16.23 12.28 -21.70
C TRP B 184 16.21 10.77 -21.62
N ASN B 185 17.37 10.19 -21.89
CA ASN B 185 17.57 8.77 -21.82
C ASN B 185 18.32 8.66 -20.52
N ALA B 186 17.63 8.29 -19.45
CA ALA B 186 18.27 8.17 -18.14
C ALA B 186 19.52 7.32 -18.14
N GLU B 187 19.61 6.40 -19.09
CA GLU B 187 20.77 5.53 -19.17
C GLU B 187 21.97 6.21 -19.82
N THR B 188 21.77 6.70 -21.04
CA THR B 188 22.82 7.37 -21.79
C THR B 188 22.92 8.84 -21.42
N GLY B 189 21.95 9.33 -20.65
CA GLY B 189 21.97 10.72 -20.24
C GLY B 189 21.93 11.66 -21.42
N GLU B 190 21.63 11.15 -22.59
CA GLU B 190 21.59 11.98 -23.78
C GLU B 190 20.22 12.63 -23.91
N CYS B 191 20.18 13.84 -24.43
CA CYS B 191 18.92 14.51 -24.63
C CYS B 191 18.37 14.05 -25.97
N ILE B 192 17.32 13.24 -25.94
CA ILE B 192 16.74 12.73 -27.17
C ILE B 192 15.75 13.71 -27.76
N HIS B 193 15.36 14.70 -26.98
CA HIS B 193 14.40 15.69 -27.45
C HIS B 193 14.50 16.96 -26.64
N THR B 194 14.19 18.07 -27.27
CA THR B 194 14.17 19.35 -26.59
C THR B 194 12.86 19.94 -27.02
N LEU B 195 11.89 19.86 -26.15
CA LEU B 195 10.57 20.33 -26.46
C LEU B 195 10.44 21.83 -26.36
N TYR B 196 10.48 22.49 -27.52
CA TYR B 196 10.34 23.94 -27.55
C TYR B 196 8.90 24.22 -27.86
N GLY B 197 8.38 25.31 -27.31
CA GLY B 197 7.00 25.66 -27.56
C GLY B 197 6.59 26.52 -26.39
N HIS B 198 7.25 26.25 -25.27
CA HIS B 198 7.03 27.00 -24.06
C HIS B 198 7.95 28.20 -24.15
N THR B 199 7.38 29.37 -23.92
CA THR B 199 8.14 30.61 -23.97
C THR B 199 8.64 30.95 -22.58
N SER B 200 7.85 30.56 -21.59
CA SER B 200 8.18 30.81 -20.20
C SER B 200 8.85 29.59 -19.57
N THR B 201 8.99 29.58 -18.25
CA THR B 201 9.61 28.45 -17.56
C THR B 201 8.68 27.27 -17.52
N VAL B 202 9.22 26.10 -17.81
CA VAL B 202 8.44 24.87 -17.78
C VAL B 202 8.44 24.50 -16.31
N ARG B 203 7.49 25.08 -15.57
CA ARG B 203 7.39 24.86 -14.14
C ARG B 203 7.09 23.44 -13.77
N CYS B 204 6.02 22.91 -14.35
CA CYS B 204 5.62 21.55 -14.07
C CYS B 204 5.49 20.75 -15.34
N MET B 205 5.17 19.48 -15.18
CA MET B 205 4.99 18.59 -16.31
C MET B 205 4.56 17.27 -15.75
N HIS B 206 3.50 16.69 -16.31
CA HIS B 206 3.06 15.41 -15.85
C HIS B 206 3.15 14.45 -17.02
N LEU B 207 3.95 13.41 -16.85
CA LEU B 207 4.13 12.42 -17.90
C LEU B 207 3.16 11.30 -17.73
N HIS B 208 2.58 10.86 -18.83
CA HIS B 208 1.66 9.74 -18.81
C HIS B 208 1.96 8.88 -20.03
N GLU B 209 2.68 7.78 -19.81
CA GLU B 209 3.01 6.90 -20.91
C GLU B 209 3.92 7.65 -21.86
N LYS B 210 3.50 7.77 -23.12
CA LYS B 210 4.31 8.42 -24.14
C LYS B 210 4.09 9.94 -24.25
N ARG B 211 3.24 10.49 -23.40
CA ARG B 211 2.98 11.93 -23.45
C ARG B 211 3.31 12.63 -22.15
N VAL B 212 3.69 13.90 -22.27
CA VAL B 212 4.01 14.70 -21.11
C VAL B 212 3.33 16.03 -21.25
N VAL B 213 2.40 16.32 -20.36
CA VAL B 213 1.77 17.62 -20.42
C VAL B 213 2.72 18.43 -19.57
N SER B 214 3.06 19.62 -20.05
CA SER B 214 3.96 20.48 -19.31
C SER B 214 3.20 21.74 -19.01
N GLY B 215 3.45 22.28 -17.82
CA GLY B 215 2.81 23.52 -17.44
C GLY B 215 3.94 24.50 -17.44
N SER B 216 3.63 25.75 -17.74
CA SER B 216 4.68 26.76 -17.76
C SER B 216 4.18 28.08 -17.26
N ARG B 217 5.11 28.99 -16.98
CA ARG B 217 4.70 30.29 -16.51
C ARG B 217 4.08 31.02 -17.70
N ASP B 218 4.18 30.45 -18.89
CA ASP B 218 3.59 31.10 -20.06
C ASP B 218 2.07 30.97 -20.13
N ALA B 219 1.47 30.41 -19.08
CA ALA B 219 0.02 30.25 -19.00
C ALA B 219 -0.52 29.15 -19.89
N THR B 220 0.38 28.45 -20.56
CA THR B 220 -0.05 27.39 -21.43
C THR B 220 0.64 26.11 -21.07
N LEU B 221 -0.10 25.01 -21.19
CA LEU B 221 0.46 23.71 -20.93
C LEU B 221 0.69 23.16 -22.31
N ARG B 222 1.59 22.20 -22.42
CA ARG B 222 1.84 21.59 -23.71
C ARG B 222 1.94 20.10 -23.55
N VAL B 223 1.19 19.39 -24.39
CA VAL B 223 1.22 17.94 -24.36
C VAL B 223 2.28 17.54 -25.36
N TRP B 224 3.31 16.85 -24.89
CA TRP B 224 4.41 16.44 -25.74
C TRP B 224 4.44 14.95 -25.90
N ASP B 225 4.93 14.51 -27.06
CA ASP B 225 5.06 13.10 -27.33
C ASP B 225 6.48 12.75 -26.97
N ILE B 226 6.67 12.26 -25.75
CA ILE B 226 7.98 11.87 -25.26
C ILE B 226 8.79 11.08 -26.28
N GLU B 227 8.11 10.40 -27.19
CA GLU B 227 8.78 9.60 -28.21
C GLU B 227 9.16 10.44 -29.42
N THR B 228 8.14 11.05 -30.03
CA THR B 228 8.34 11.87 -31.22
C THR B 228 9.02 13.20 -30.92
N GLY B 229 8.78 13.75 -29.74
CA GLY B 229 9.36 15.03 -29.37
C GLY B 229 8.43 16.14 -29.85
N GLN B 230 7.39 15.76 -30.57
CA GLN B 230 6.44 16.75 -31.07
C GLN B 230 5.62 17.30 -29.92
N CYS B 231 4.98 18.43 -30.16
CA CYS B 231 4.14 19.03 -29.14
C CYS B 231 2.74 18.83 -29.67
N LEU B 232 2.16 17.68 -29.36
CA LEU B 232 0.83 17.36 -29.86
C LEU B 232 -0.21 18.41 -29.57
N HIS B 233 -0.16 19.02 -28.40
CA HIS B 233 -1.15 20.03 -28.10
C HIS B 233 -0.62 21.16 -27.25
N VAL B 234 -1.39 22.24 -27.22
CA VAL B 234 -1.04 23.42 -26.46
C VAL B 234 -2.31 23.92 -25.80
N LEU B 235 -2.35 23.76 -24.48
CA LEU B 235 -3.52 24.18 -23.75
C LEU B 235 -3.39 25.65 -23.39
N MET B 236 -4.21 26.47 -24.03
CA MET B 236 -4.20 27.91 -23.79
C MET B 236 -5.55 28.28 -23.21
N GLY B 237 -5.54 28.90 -22.03
CA GLY B 237 -6.76 29.29 -21.37
C GLY B 237 -6.45 29.80 -19.97
N HIS B 238 -5.21 29.59 -19.56
CA HIS B 238 -4.76 30.04 -18.26
C HIS B 238 -4.29 31.46 -18.36
N VAL B 239 -4.83 32.33 -17.52
CA VAL B 239 -4.44 33.72 -17.53
C VAL B 239 -3.08 33.85 -16.85
N ALA B 240 -2.90 33.16 -15.73
CA ALA B 240 -1.62 33.22 -15.00
C ALA B 240 -0.69 32.08 -15.42
N ALA B 241 0.31 31.81 -14.60
CA ALA B 241 1.26 30.73 -14.90
C ALA B 241 0.69 29.42 -14.39
N VAL B 242 1.00 28.33 -15.09
CA VAL B 242 0.53 27.01 -14.69
C VAL B 242 1.59 26.45 -13.75
N ARG B 243 1.23 26.27 -12.48
CA ARG B 243 2.19 25.77 -11.50
C ARG B 243 2.14 24.27 -11.45
N CYS B 244 0.94 23.72 -11.58
CA CYS B 244 0.81 22.29 -11.53
C CYS B 244 -0.02 21.73 -12.68
N VAL B 245 0.30 20.49 -13.05
CA VAL B 245 -0.37 19.80 -14.14
C VAL B 245 -0.52 18.31 -13.87
N GLN B 246 -1.65 17.75 -14.25
CA GLN B 246 -1.89 16.34 -14.08
C GLN B 246 -2.42 15.85 -15.42
N TYR B 247 -1.86 14.76 -15.89
CA TYR B 247 -2.29 14.20 -17.15
C TYR B 247 -2.48 12.70 -16.93
N ASP B 248 -3.70 12.24 -17.12
CA ASP B 248 -4.00 10.83 -16.94
C ASP B 248 -4.02 10.20 -18.33
N GLY B 249 -3.73 11.01 -19.35
CA GLY B 249 -3.74 10.52 -20.71
C GLY B 249 -5.08 10.81 -21.35
N ARG B 250 -6.08 10.98 -20.52
CA ARG B 250 -7.42 11.27 -20.98
C ARG B 250 -7.60 12.77 -20.93
N ARG B 251 -7.43 13.33 -19.73
CA ARG B 251 -7.58 14.76 -19.52
C ARG B 251 -6.29 15.37 -19.00
N VAL B 252 -6.24 16.68 -19.03
CA VAL B 252 -5.09 17.37 -18.50
C VAL B 252 -5.63 18.36 -17.52
N VAL B 253 -5.48 18.05 -16.24
CA VAL B 253 -5.94 18.94 -15.21
C VAL B 253 -4.76 19.87 -14.97
N SER B 254 -5.06 21.15 -14.85
CA SER B 254 -4.00 22.11 -14.66
C SER B 254 -4.35 23.08 -13.56
N GLY B 255 -3.31 23.63 -12.96
CA GLY B 255 -3.47 24.59 -11.90
C GLY B 255 -2.53 25.72 -12.21
N ALA B 256 -3.07 26.92 -12.33
CA ALA B 256 -2.24 28.07 -12.64
C ALA B 256 -2.40 29.13 -11.56
N TYR B 257 -1.41 30.01 -11.47
CA TYR B 257 -1.45 31.09 -10.52
C TYR B 257 -2.70 31.94 -10.76
N ASP B 258 -3.49 31.55 -11.75
CA ASP B 258 -4.71 32.30 -12.05
C ASP B 258 -5.86 31.81 -11.19
N PHE B 259 -5.54 31.23 -10.04
CA PHE B 259 -6.54 30.74 -9.12
C PHE B 259 -7.42 29.67 -9.74
N MET B 260 -7.30 29.51 -11.05
CA MET B 260 -8.13 28.55 -11.75
C MET B 260 -7.46 27.20 -11.96
N VAL B 261 -8.31 26.18 -12.06
CA VAL B 261 -7.85 24.85 -12.33
C VAL B 261 -8.55 24.50 -13.62
N LYS B 262 -7.76 24.32 -14.67
CA LYS B 262 -8.35 23.99 -15.95
C LYS B 262 -8.19 22.52 -16.27
N VAL B 263 -9.32 21.91 -16.62
CA VAL B 263 -9.35 20.51 -17.01
C VAL B 263 -9.34 20.52 -18.53
N TRP B 264 -8.33 19.91 -19.14
CA TRP B 264 -8.26 19.92 -20.59
C TRP B 264 -8.40 18.56 -21.24
N ASP B 265 -8.92 18.59 -22.45
CA ASP B 265 -9.01 17.38 -23.26
C ASP B 265 -7.86 17.72 -24.20
N PRO B 266 -6.65 17.28 -23.86
CA PRO B 266 -5.49 17.58 -24.70
C PRO B 266 -5.80 17.49 -26.18
N GLU B 267 -6.29 16.32 -26.59
CA GLU B 267 -6.62 16.06 -27.98
C GLU B 267 -7.14 17.27 -28.75
N THR B 268 -8.22 17.86 -28.27
CA THR B 268 -8.80 19.01 -28.94
C THR B 268 -8.39 20.35 -28.34
N GLU B 269 -7.24 20.36 -27.67
CA GLU B 269 -6.70 21.57 -27.03
C GLU B 269 -7.85 22.37 -26.44
N THR B 270 -8.88 21.68 -25.95
CA THR B 270 -10.04 22.35 -25.37
C THR B 270 -10.16 22.26 -23.86
N CYS B 271 -10.23 23.42 -23.24
CA CYS B 271 -10.37 23.49 -21.80
C CYS B 271 -11.75 22.98 -21.43
N LEU B 272 -11.87 21.65 -21.31
CA LEU B 272 -13.15 21.07 -20.93
C LEU B 272 -13.74 21.79 -19.74
N HIS B 273 -12.91 22.06 -18.75
CA HIS B 273 -13.39 22.74 -17.55
C HIS B 273 -12.46 23.79 -17.00
N THR B 274 -13.09 24.76 -16.35
CA THR B 274 -12.38 25.83 -15.69
C THR B 274 -12.95 25.71 -14.30
N LEU B 275 -12.17 25.10 -13.42
CA LEU B 275 -12.59 24.90 -12.05
C LEU B 275 -12.37 26.19 -11.27
N GLN B 276 -13.47 26.86 -10.95
CA GLN B 276 -13.40 28.10 -10.21
C GLN B 276 -13.71 27.83 -8.75
N GLY B 277 -12.86 28.34 -7.87
CA GLY B 277 -13.09 28.13 -6.45
C GLY B 277 -11.92 28.59 -5.60
N HIS B 278 -10.74 28.66 -6.20
CA HIS B 278 -9.61 29.08 -5.42
C HIS B 278 -9.33 30.55 -5.41
N THR B 279 -9.55 31.12 -4.25
CA THR B 279 -9.37 32.53 -4.01
C THR B 279 -7.92 32.94 -4.18
N ASN B 280 -7.09 32.04 -4.72
CA ASN B 280 -5.68 32.34 -4.94
C ASN B 280 -4.99 31.32 -5.85
N ARG B 281 -3.70 31.53 -6.09
CA ARG B 281 -2.91 30.66 -6.93
C ARG B 281 -3.03 29.19 -6.53
N VAL B 282 -3.40 28.33 -7.48
CA VAL B 282 -3.45 26.90 -7.19
C VAL B 282 -2.04 26.38 -7.52
N TYR B 283 -1.35 25.91 -6.48
CA TYR B 283 0.02 25.43 -6.65
C TYR B 283 0.15 23.95 -6.89
N SER B 284 -0.64 23.17 -6.16
CA SER B 284 -0.54 21.73 -6.31
C SER B 284 -1.80 21.13 -6.90
N LEU B 285 -1.60 20.05 -7.65
CA LEU B 285 -2.71 19.39 -8.28
C LEU B 285 -2.56 17.91 -8.15
N GLN B 286 -3.69 17.24 -8.08
CA GLN B 286 -3.73 15.79 -8.02
C GLN B 286 -4.92 15.41 -8.85
N PHE B 287 -4.84 14.27 -9.52
CA PHE B 287 -5.94 13.91 -10.36
C PHE B 287 -5.97 12.43 -10.54
N ASP B 288 -7.04 11.79 -10.07
CA ASP B 288 -7.16 10.36 -10.20
C ASP B 288 -8.07 10.01 -11.37
N GLY B 289 -8.10 10.86 -12.39
CA GLY B 289 -8.95 10.59 -13.54
C GLY B 289 -10.42 10.83 -13.22
N ILE B 290 -10.74 10.90 -11.93
CA ILE B 290 -12.12 11.12 -11.52
C ILE B 290 -12.24 12.42 -10.74
N HIS B 291 -11.32 12.60 -9.80
CA HIS B 291 -11.32 13.79 -8.99
C HIS B 291 -10.05 14.53 -9.23
N VAL B 292 -10.17 15.82 -9.42
CA VAL B 292 -8.99 16.63 -9.58
C VAL B 292 -8.96 17.27 -8.20
N VAL B 293 -7.78 17.29 -7.60
CA VAL B 293 -7.64 17.89 -6.30
C VAL B 293 -6.67 19.03 -6.50
N SER B 294 -7.20 20.23 -6.39
CA SER B 294 -6.39 21.42 -6.56
C SER B 294 -6.03 21.91 -5.17
N GLY B 295 -4.79 22.35 -5.02
CA GLY B 295 -4.32 22.85 -3.75
C GLY B 295 -3.81 24.23 -4.04
N SER B 296 -4.44 25.20 -3.42
CA SER B 296 -4.08 26.59 -3.64
C SER B 296 -3.37 27.28 -2.50
N LEU B 297 -2.79 28.43 -2.84
CA LEU B 297 -2.09 29.26 -1.88
C LEU B 297 -3.21 29.86 -1.05
N ASP B 298 -4.43 29.70 -1.55
CA ASP B 298 -5.64 30.20 -0.90
C ASP B 298 -5.92 29.35 0.33
N THR B 299 -4.92 28.56 0.71
CA THR B 299 -5.03 27.71 1.87
C THR B 299 -5.87 26.45 1.67
N SER B 300 -6.88 26.53 0.80
CA SER B 300 -7.74 25.38 0.57
C SER B 300 -7.27 24.40 -0.49
N ILE B 301 -7.92 23.25 -0.50
CA ILE B 301 -7.65 22.20 -1.45
C ILE B 301 -9.02 21.86 -1.94
N ARG B 302 -9.27 22.13 -3.21
CA ARG B 302 -10.59 21.82 -3.74
C ARG B 302 -10.62 20.49 -4.48
N VAL B 303 -11.53 19.62 -4.07
CA VAL B 303 -11.70 18.33 -4.69
C VAL B 303 -12.77 18.50 -5.75
N TRP B 304 -12.35 18.41 -7.00
CA TRP B 304 -13.28 18.58 -8.13
C TRP B 304 -13.69 17.30 -8.78
N ASP B 305 -14.78 17.40 -9.52
CA ASP B 305 -15.32 16.29 -10.25
C ASP B 305 -14.98 16.54 -11.69
N VAL B 306 -13.84 16.01 -12.13
CA VAL B 306 -13.36 16.18 -13.50
C VAL B 306 -14.45 16.09 -14.55
N GLU B 307 -15.48 15.29 -14.28
CA GLU B 307 -16.56 15.14 -15.22
C GLU B 307 -17.46 16.35 -15.27
N THR B 308 -18.05 16.66 -14.12
CA THR B 308 -18.97 17.79 -14.00
C THR B 308 -18.22 19.11 -13.91
N GLY B 309 -17.01 19.04 -13.37
CA GLY B 309 -16.22 20.24 -13.21
C GLY B 309 -16.67 20.89 -11.92
N ASN B 310 -17.70 20.28 -11.32
CA ASN B 310 -18.28 20.77 -10.07
C ASN B 310 -17.38 20.48 -8.89
N CYS B 311 -17.12 21.51 -8.09
CA CYS B 311 -16.29 21.35 -6.91
C CYS B 311 -17.05 20.34 -6.06
N ILE B 312 -16.35 19.34 -5.56
CA ILE B 312 -16.97 18.28 -4.76
C ILE B 312 -16.76 18.54 -3.28
N HIS B 313 -15.61 19.10 -2.96
CA HIS B 313 -15.23 19.40 -1.59
C HIS B 313 -14.29 20.57 -1.58
N THR B 314 -14.42 21.41 -0.57
CA THR B 314 -13.51 22.52 -0.47
C THR B 314 -12.75 22.25 0.80
N LEU B 315 -11.86 21.26 0.74
CA LEU B 315 -11.05 20.87 1.89
C LEU B 315 -10.26 22.07 2.40
N THR B 316 -10.73 22.61 3.52
CA THR B 316 -10.10 23.74 4.18
C THR B 316 -9.50 23.18 5.45
N GLY B 317 -8.50 23.86 5.98
CA GLY B 317 -7.88 23.38 7.20
C GLY B 317 -6.47 23.93 7.22
N HIS B 318 -5.74 23.70 6.15
CA HIS B 318 -4.38 24.20 6.06
C HIS B 318 -4.48 25.70 6.27
N GLN B 319 -3.43 26.28 6.81
CA GLN B 319 -3.39 27.69 7.09
C GLN B 319 -2.53 28.40 6.08
N SER B 320 -1.99 27.63 5.15
CA SER B 320 -1.12 28.22 4.17
C SER B 320 -1.11 27.50 2.82
N LEU B 321 -0.02 27.67 2.08
CA LEU B 321 0.15 27.07 0.77
C LEU B 321 0.37 25.57 0.81
N THR B 322 -0.59 24.82 0.28
CA THR B 322 -0.47 23.38 0.23
C THR B 322 0.48 23.07 -0.91
N SER B 323 1.74 22.87 -0.57
CA SER B 323 2.80 22.58 -1.54
C SER B 323 2.62 21.16 -2.05
N GLY B 324 3.03 20.19 -1.22
CA GLY B 324 2.90 18.80 -1.59
C GLY B 324 1.43 18.42 -1.59
N MET B 325 1.13 17.29 -2.21
CA MET B 325 -0.22 16.77 -2.29
C MET B 325 -0.17 15.50 -3.07
N GLU B 326 -0.54 14.41 -2.42
CA GLU B 326 -0.56 13.13 -3.08
C GLU B 326 -1.93 12.56 -2.94
N LEU B 327 -2.49 12.14 -4.06
CA LEU B 327 -3.81 11.57 -4.06
C LEU B 327 -3.70 10.11 -4.42
N LYS B 328 -4.36 9.26 -3.66
CA LYS B 328 -4.31 7.84 -3.90
C LYS B 328 -5.51 7.19 -3.22
N ASP B 329 -6.33 6.51 -4.02
CA ASP B 329 -7.52 5.82 -3.52
C ASP B 329 -8.44 6.81 -2.81
N ASN B 330 -8.59 7.98 -3.40
CA ASN B 330 -9.43 9.03 -2.84
C ASN B 330 -8.95 9.49 -1.47
N ILE B 331 -7.72 9.13 -1.14
CA ILE B 331 -7.16 9.58 0.11
C ILE B 331 -6.16 10.64 -0.28
N LEU B 332 -6.32 11.83 0.26
CA LEU B 332 -5.42 12.90 -0.09
C LEU B 332 -4.54 13.27 1.08
N VAL B 333 -3.26 13.48 0.78
CA VAL B 333 -2.36 13.88 1.83
C VAL B 333 -1.74 15.14 1.28
N SER B 334 -2.04 16.25 1.93
CA SER B 334 -1.55 17.54 1.51
C SER B 334 -0.44 18.06 2.38
N GLY B 335 0.65 18.43 1.74
CA GLY B 335 1.79 18.98 2.43
C GLY B 335 1.56 20.46 2.37
N ASN B 336 1.69 21.14 3.51
CA ASN B 336 1.42 22.55 3.51
C ASN B 336 2.49 23.39 4.18
N ALA B 337 2.71 24.59 3.63
CA ALA B 337 3.70 25.50 4.16
C ALA B 337 3.41 25.78 5.62
N ASP B 338 2.18 25.47 6.04
CA ASP B 338 1.75 25.69 7.41
C ASP B 338 2.43 24.69 8.36
N SER B 339 3.38 23.93 7.82
CA SER B 339 4.14 22.93 8.57
C SER B 339 3.25 21.74 8.87
N THR B 340 2.07 21.75 8.29
CA THR B 340 1.10 20.70 8.53
C THR B 340 0.92 19.83 7.32
N VAL B 341 0.67 18.55 7.55
CA VAL B 341 0.41 17.64 6.46
C VAL B 341 -0.97 17.16 6.81
N LYS B 342 -1.85 17.07 5.83
CA LYS B 342 -3.17 16.61 6.17
C LYS B 342 -3.57 15.43 5.32
N ILE B 343 -4.34 14.53 5.90
CA ILE B 343 -4.80 13.37 5.17
C ILE B 343 -6.30 13.49 5.04
N TRP B 344 -6.80 13.46 3.82
CA TRP B 344 -8.22 13.62 3.60
C TRP B 344 -8.85 12.46 2.87
N ASP B 345 -10.15 12.32 3.05
CA ASP B 345 -10.90 11.30 2.37
C ASP B 345 -11.61 12.15 1.33
N ILE B 346 -10.97 12.42 0.19
CA ILE B 346 -11.60 13.27 -0.82
C ILE B 346 -12.99 12.80 -1.22
N LYS B 347 -13.37 11.59 -0.84
CA LYS B 347 -14.72 11.11 -1.15
C LYS B 347 -15.63 11.81 -0.17
N THR B 348 -15.34 11.66 1.11
CA THR B 348 -16.13 12.27 2.18
C THR B 348 -15.73 13.69 2.52
N GLY B 349 -14.58 14.11 2.04
CA GLY B 349 -14.12 15.46 2.33
C GLY B 349 -13.67 15.57 3.76
N GLN B 350 -13.61 14.44 4.46
CA GLN B 350 -13.16 14.43 5.84
C GLN B 350 -11.66 14.56 5.92
N CYS B 351 -11.19 15.34 6.88
CA CYS B 351 -9.77 15.50 7.08
C CYS B 351 -9.34 14.39 8.02
N LEU B 352 -9.21 13.21 7.44
CA LEU B 352 -8.80 11.99 8.13
C LEU B 352 -7.82 12.25 9.24
N GLN B 353 -6.75 12.97 8.92
CA GLN B 353 -5.73 13.26 9.90
C GLN B 353 -5.06 14.56 9.59
N THR B 354 -4.30 15.04 10.57
CA THR B 354 -3.51 16.23 10.41
C THR B 354 -2.21 15.80 11.06
N LEU B 355 -1.11 15.93 10.33
CA LEU B 355 0.17 15.51 10.85
C LEU B 355 0.85 16.66 11.54
N GLN B 356 0.50 16.86 12.80
CA GLN B 356 1.08 17.91 13.60
C GLN B 356 1.66 17.16 14.77
N GLY B 357 1.33 17.61 15.98
CA GLY B 357 1.84 16.94 17.15
C GLY B 357 3.15 17.54 17.60
N PRO B 358 3.64 17.16 18.78
CA PRO B 358 4.91 17.70 19.27
C PRO B 358 6.01 17.53 18.24
N ASN B 359 5.91 16.48 17.43
CA ASN B 359 6.90 16.23 16.41
C ASN B 359 6.44 16.67 15.05
N LYS B 360 5.52 17.62 15.04
CA LYS B 360 4.98 18.19 13.83
C LYS B 360 6.17 18.84 13.15
N HIS B 361 6.02 19.24 11.90
CA HIS B 361 7.13 19.90 11.24
C HIS B 361 7.23 21.27 11.83
N GLN B 362 8.43 21.81 11.91
CA GLN B 362 8.59 23.12 12.48
C GLN B 362 8.29 24.15 11.44
N SER B 363 8.85 23.98 10.26
CA SER B 363 8.60 24.91 9.16
C SER B 363 7.71 24.27 8.12
N ALA B 364 7.67 24.85 6.93
CA ALA B 364 6.82 24.34 5.84
C ALA B 364 7.07 22.89 5.42
N VAL B 365 5.99 22.18 5.12
CA VAL B 365 6.10 20.80 4.62
C VAL B 365 6.38 21.00 3.14
N THR B 366 7.49 20.47 2.67
CA THR B 366 7.89 20.63 1.29
C THR B 366 7.45 19.51 0.38
N CYS B 367 7.45 18.31 0.91
CA CYS B 367 7.08 17.19 0.10
C CYS B 367 6.46 16.15 0.98
N LEU B 368 5.80 15.19 0.37
CA LEU B 368 5.21 14.15 1.15
C LEU B 368 4.97 12.98 0.23
N GLN B 369 5.07 11.81 0.83
CA GLN B 369 4.87 10.57 0.14
C GLN B 369 4.02 9.82 1.11
N PHE B 370 3.21 8.91 0.61
CA PHE B 370 2.42 8.15 1.53
C PHE B 370 1.90 6.92 0.87
N ASN B 371 1.70 5.89 1.67
CA ASN B 371 1.21 4.63 1.21
C ASN B 371 0.07 4.33 2.15
N LYS B 372 -0.34 3.06 2.20
CA LYS B 372 -1.44 2.68 3.06
C LYS B 372 -1.04 2.78 4.52
N ASN B 373 0.26 2.66 4.77
CA ASN B 373 0.78 2.67 6.12
C ASN B 373 1.29 4.00 6.64
N PHE B 374 2.16 4.63 5.88
CA PHE B 374 2.72 5.89 6.35
C PHE B 374 2.57 7.06 5.41
N VAL B 375 2.90 8.22 5.95
CA VAL B 375 2.92 9.44 5.17
C VAL B 375 4.34 9.87 5.49
N ILE B 376 5.14 10.09 4.47
CA ILE B 376 6.49 10.53 4.67
C ILE B 376 6.41 11.98 4.31
N THR B 377 6.90 12.83 5.18
CA THR B 377 6.83 14.25 4.92
C THR B 377 8.16 14.92 5.11
N SER B 378 8.57 15.69 4.11
CA SER B 378 9.83 16.41 4.21
C SER B 378 9.44 17.84 4.52
N SER B 379 10.36 18.58 5.12
CA SER B 379 10.06 19.94 5.47
C SER B 379 11.28 20.82 5.48
N ASP B 380 11.03 22.12 5.52
CA ASP B 380 12.08 23.11 5.56
C ASP B 380 12.89 22.90 6.82
N ASP B 381 12.29 22.23 7.79
CA ASP B 381 12.92 21.98 9.08
C ASP B 381 14.00 20.92 9.00
N GLY B 382 14.32 20.53 7.77
CA GLY B 382 15.37 19.56 7.54
C GLY B 382 15.03 18.17 8.01
N THR B 383 13.76 17.94 8.31
CA THR B 383 13.35 16.64 8.78
C THR B 383 12.41 15.96 7.81
N VAL B 384 12.61 14.67 7.63
CA VAL B 384 11.69 13.92 6.81
C VAL B 384 11.03 13.08 7.90
N LYS B 385 9.76 13.32 8.14
CA LYS B 385 9.06 12.58 9.16
C LYS B 385 8.30 11.41 8.59
N LEU B 386 8.14 10.38 9.41
CA LEU B 386 7.42 9.18 9.04
C LEU B 386 6.18 9.23 9.91
N TRP B 387 5.02 9.23 9.28
CA TRP B 387 3.75 9.30 10.00
C TRP B 387 2.93 8.08 9.79
N ASP B 388 2.05 7.81 10.73
CA ASP B 388 1.16 6.67 10.62
C ASP B 388 -0.03 7.18 9.83
N LEU B 389 -0.09 6.88 8.54
CA LEU B 389 -1.21 7.34 7.75
C LEU B 389 -2.51 7.09 8.48
N LYS B 390 -2.72 5.84 8.86
CA LYS B 390 -3.93 5.41 9.53
C LYS B 390 -4.23 6.18 10.81
N THR B 391 -3.26 6.23 11.73
CA THR B 391 -3.44 6.92 13.00
C THR B 391 -3.13 8.39 12.94
N GLY B 392 -2.44 8.81 11.90
CA GLY B 392 -2.07 10.20 11.78
C GLY B 392 -1.04 10.58 12.83
N GLU B 393 -0.54 9.59 13.55
CA GLU B 393 0.44 9.86 14.59
C GLU B 393 1.82 10.01 13.98
N PHE B 394 2.63 10.87 14.58
CA PHE B 394 3.98 11.04 14.09
C PHE B 394 4.66 9.78 14.54
N ILE B 395 5.48 9.20 13.67
CA ILE B 395 6.17 7.99 14.04
C ILE B 395 7.59 8.31 14.44
N ARG B 396 8.33 8.90 13.51
CA ARG B 396 9.73 9.25 13.76
C ARG B 396 10.23 10.12 12.61
N ASN B 397 11.39 10.71 12.79
CA ASN B 397 12.00 11.51 11.75
C ASN B 397 12.93 10.60 10.98
N LEU B 398 12.54 10.17 9.78
CA LEU B 398 13.43 9.34 8.98
C LEU B 398 14.73 10.10 8.78
N VAL B 399 14.60 11.41 8.59
CA VAL B 399 15.74 12.25 8.37
C VAL B 399 15.63 13.42 9.30
N THR B 400 16.77 13.94 9.73
CA THR B 400 16.81 15.07 10.62
C THR B 400 18.09 15.86 10.39
N LEU B 401 18.12 16.64 9.30
CA LEU B 401 19.28 17.46 9.00
C LEU B 401 19.68 18.22 10.24
N GLU B 402 20.93 18.04 10.66
CA GLU B 402 21.44 18.71 11.83
C GLU B 402 21.34 20.21 11.60
N SER B 403 21.09 20.58 10.35
CA SER B 403 20.97 21.97 9.96
C SER B 403 19.54 22.38 9.66
N GLY B 404 18.63 21.41 9.66
CA GLY B 404 17.23 21.69 9.37
C GLY B 404 16.78 23.05 9.87
N GLY B 405 17.32 23.45 11.02
CA GLY B 405 16.96 24.72 11.60
C GLY B 405 17.87 25.86 11.20
N SER B 406 19.10 25.54 10.80
CA SER B 406 20.02 26.59 10.41
C SER B 406 20.13 26.69 8.89
N GLY B 407 19.00 26.57 8.21
CA GLY B 407 19.00 26.67 6.76
C GLY B 407 18.86 25.36 6.01
N GLY B 408 19.25 24.25 6.66
CA GLY B 408 19.14 22.96 6.02
C GLY B 408 17.68 22.69 5.74
N VAL B 409 17.39 22.09 4.61
CA VAL B 409 16.02 21.83 4.27
C VAL B 409 15.92 20.57 3.43
N VAL B 410 14.73 20.00 3.40
CA VAL B 410 14.51 18.82 2.57
C VAL B 410 13.45 19.28 1.58
N TRP B 411 13.88 19.53 0.36
CA TRP B 411 13.00 20.05 -0.67
C TRP B 411 11.95 19.07 -1.12
N ARG B 412 12.40 17.92 -1.56
CA ARG B 412 11.48 16.94 -2.06
C ARG B 412 11.95 15.56 -1.63
N ILE B 413 11.02 14.62 -1.59
CA ILE B 413 11.36 13.27 -1.24
C ILE B 413 10.57 12.36 -2.16
N ARG B 414 11.06 11.16 -2.32
CA ARG B 414 10.37 10.19 -3.12
C ARG B 414 10.58 8.96 -2.30
N ALA B 415 9.53 8.19 -2.09
CA ALA B 415 9.68 6.99 -1.32
C ALA B 415 9.28 5.82 -2.18
N SER B 416 10.14 4.80 -2.18
CA SER B 416 9.83 3.58 -2.88
C SER B 416 9.26 2.82 -1.69
N ASN B 417 8.84 1.59 -1.90
CA ASN B 417 8.29 0.83 -0.80
C ASN B 417 9.41 0.50 0.16
N THR B 418 10.63 0.59 -0.35
CA THR B 418 11.77 0.21 0.45
C THR B 418 12.80 1.28 0.78
N LYS B 419 12.85 2.34 0.00
CA LYS B 419 13.80 3.36 0.34
C LYS B 419 13.21 4.74 0.17
N LEU B 420 13.92 5.72 0.73
CA LEU B 420 13.48 7.09 0.69
C LEU B 420 14.57 7.97 0.15
N VAL B 421 14.26 8.69 -0.91
CA VAL B 421 15.22 9.60 -1.50
C VAL B 421 14.78 10.98 -1.01
N CYS B 422 15.74 11.78 -0.60
CA CYS B 422 15.43 13.10 -0.10
C CYS B 422 16.34 14.15 -0.71
N ALA B 423 15.74 15.17 -1.30
CA ALA B 423 16.52 16.25 -1.86
C ALA B 423 16.76 17.18 -0.67
N VAL B 424 17.98 17.15 -0.17
CA VAL B 424 18.36 17.95 0.97
C VAL B 424 19.34 19.02 0.52
N GLY B 425 19.36 20.14 1.23
CA GLY B 425 20.25 21.22 0.85
C GLY B 425 19.82 22.48 1.57
N SER B 426 20.19 23.64 1.03
CA SER B 426 19.85 24.90 1.68
C SER B 426 20.19 26.12 0.84
N ARG B 427 19.50 27.23 1.08
CA ARG B 427 19.78 28.46 0.36
C ARG B 427 21.17 28.89 0.80
N ASN B 428 21.47 28.66 2.07
CA ASN B 428 22.77 29.01 2.63
C ASN B 428 23.66 27.78 2.66
N GLY B 429 24.97 27.97 2.62
CA GLY B 429 25.84 26.80 2.62
C GLY B 429 25.89 26.07 3.95
N THR B 430 24.76 25.56 4.41
CA THR B 430 24.73 24.86 5.69
C THR B 430 24.46 23.40 5.44
N GLU B 431 23.86 23.14 4.29
CA GLU B 431 23.53 21.80 3.83
C GLU B 431 23.93 21.74 2.38
N GLU B 432 24.98 20.99 2.07
CA GLU B 432 25.37 20.87 0.68
C GLU B 432 24.19 20.16 0.02
N THR B 433 23.69 20.73 -1.06
CA THR B 433 22.58 20.11 -1.72
C THR B 433 22.99 18.69 -2.09
N LYS B 434 22.13 17.75 -1.74
CA LYS B 434 22.38 16.34 -2.00
C LYS B 434 21.06 15.61 -1.91
N LEU B 435 21.12 14.31 -2.16
CA LEU B 435 19.95 13.46 -2.06
C LEU B 435 20.31 12.52 -0.92
N LEU B 436 19.32 12.24 -0.08
CA LEU B 436 19.54 11.32 0.99
C LEU B 436 18.79 10.11 0.54
N VAL B 437 19.46 8.97 0.47
CA VAL B 437 18.77 7.77 0.09
C VAL B 437 18.81 6.85 1.29
N LEU B 438 17.69 6.82 2.00
CA LEU B 438 17.54 5.98 3.17
C LEU B 438 17.03 4.66 2.64
N ASP B 439 17.60 3.55 3.08
CA ASP B 439 17.16 2.25 2.61
C ASP B 439 16.49 1.48 3.73
N PHE B 440 15.22 1.16 3.52
CA PHE B 440 14.45 0.43 4.51
C PHE B 440 14.16 -0.99 4.06
N ASP B 441 15.07 -1.58 3.30
CA ASP B 441 14.83 -2.94 2.85
C ASP B 441 15.27 -3.84 3.98
N VAL B 442 14.98 -5.13 3.86
CA VAL B 442 15.35 -6.06 4.91
C VAL B 442 16.22 -7.17 4.36
N ASP B 443 17.04 -7.75 5.24
CA ASP B 443 17.93 -8.85 4.87
C ASP B 443 17.08 -10.12 4.81
N MET B 444 16.78 -10.57 3.61
CA MET B 444 15.99 -11.79 3.46
C MET B 444 16.48 -12.63 2.29
#